data_2ETJ
#
_entry.id   2ETJ
#
_cell.length_a   51.821
_cell.length_b   51.821
_cell.length_c   76.293
_cell.angle_alpha   90.000
_cell.angle_beta   90.000
_cell.angle_gamma   120.000
#
_symmetry.space_group_name_H-M   'P 31'
#
loop_
_entity.id
_entity.type
_entity.pdbx_description
1 polymer 'Ribonuclease HII'
2 non-polymer 'MAGNESIUM ION'
3 non-polymer 'CHLORIDE ION'
4 non-polymer 1,2-ETHANEDIOL
5 water water
#
_entity_poly.entity_id   1
_entity_poly.type   'polypeptide(L)'
_entity_poly.pdbx_seq_one_letter_code
;(MSE)GSDKIHHHHHH(MSE)GIDELYKKEFGIVAGVDEAGRGCLAGPVVAAAVVLEKEIEGINDSKQLSPAKRERLLDE
I(MSE)EKAAVGIGIASPEEIDLYNIFNATKLA(MSE)NRALENLSVKPSFVLVDGKGIELSVPGTCLVKGDQKSKLIGA
ASIVAKVFRDRL(MSE)SEFHR(MSE)YPQFSFHKHKGYATKEHLNEIRKNGVLPIHRLSFEPVLELLTDDLLREFFEKG
LISENRFERILNLLGARKSVVFRKERTNHNLPLF
;
_entity_poly.pdbx_strand_id   A
#
loop_
_chem_comp.id
_chem_comp.type
_chem_comp.name
_chem_comp.formula
CL non-polymer 'CHLORIDE ION' 'Cl -1'
EDO non-polymer 1,2-ETHANEDIOL 'C2 H6 O2'
MG non-polymer 'MAGNESIUM ION' 'Mg 2'
#
# COMPACT_ATOMS: atom_id res chain seq x y z
N MSE A 13 19.31 12.41 -3.80
CA MSE A 13 19.95 13.55 -4.56
C MSE A 13 20.21 14.73 -3.68
O MSE A 13 20.95 15.68 -4.08
CB MSE A 13 19.07 14.03 -5.69
CG MSE A 13 19.17 13.20 -6.91
SE MSE A 13 17.96 13.90 -8.29
CE MSE A 13 19.27 14.94 -9.21
N GLY A 14 19.59 14.73 -2.50
CA GLY A 14 19.86 15.76 -1.47
C GLY A 14 18.71 16.76 -1.30
N ILE A 15 17.54 16.48 -1.85
CA ILE A 15 16.43 17.43 -1.79
C ILE A 15 16.01 17.73 -0.32
N ASP A 16 16.21 16.76 0.57
CA ASP A 16 15.84 16.93 1.98
C ASP A 16 16.50 18.09 2.63
N GLU A 17 17.70 18.41 2.11
CA GLU A 17 18.51 19.49 2.63
C GLU A 17 17.81 20.86 2.51
N LEU A 18 16.95 21.02 1.52
CA LEU A 18 16.21 22.28 1.36
C LEU A 18 15.17 22.48 2.47
N TYR A 19 14.72 21.39 3.09
CA TYR A 19 13.57 21.39 3.99
C TYR A 19 14.06 21.24 5.43
N LYS A 20 15.36 21.18 5.62
CA LYS A 20 15.98 20.95 6.94
C LYS A 20 15.69 22.08 7.92
N LYS A 21 15.37 23.28 7.45
CA LYS A 21 15.45 24.41 8.37
C LYS A 21 14.25 25.31 8.55
N GLU A 22 13.33 25.33 7.59
CA GLU A 22 12.25 26.30 7.70
C GLU A 22 10.88 25.66 7.88
N PHE A 23 10.86 24.34 8.09
CA PHE A 23 9.62 23.59 7.90
C PHE A 23 9.29 22.71 9.07
N GLY A 24 9.93 22.97 10.21
CA GLY A 24 9.71 22.18 11.42
C GLY A 24 10.02 20.69 11.18
N ILE A 25 9.34 19.80 11.91
CA ILE A 25 9.66 18.39 11.76
C ILE A 25 9.13 17.94 10.39
N VAL A 26 10.00 17.31 9.61
CA VAL A 26 9.65 16.85 8.29
C VAL A 26 9.69 15.31 8.21
N ALA A 27 8.61 14.74 7.68
CA ALA A 27 8.48 13.31 7.44
C ALA A 27 8.47 13.00 5.96
N GLY A 28 9.00 11.85 5.58
CA GLY A 28 8.86 11.36 4.22
C GLY A 28 7.79 10.26 4.18
N VAL A 29 7.01 10.25 3.09
CA VAL A 29 5.84 9.36 2.97
C VAL A 29 5.89 8.65 1.60
N ASP A 30 5.76 7.31 1.65
CA ASP A 30 5.66 6.50 0.43
C ASP A 30 4.81 5.28 0.68
N GLU A 31 4.58 4.52 -0.37
CA GLU A 31 3.70 3.37 -0.25
C GLU A 31 4.27 2.19 -0.98
N ALA A 32 3.72 1.04 -0.65
CA ALA A 32 3.99 -0.19 -1.40
C ALA A 32 2.60 -0.83 -1.73
N GLY A 33 2.52 -1.36 -2.94
CA GLY A 33 1.33 -2.15 -3.33
C GLY A 33 0.23 -1.44 -4.10
N ARG A 34 0.45 -0.18 -4.48
CA ARG A 34 -0.57 0.55 -5.21
C ARG A 34 -0.97 -0.18 -6.49
N GLY A 35 0.02 -0.76 -7.15
CA GLY A 35 -0.14 -1.38 -8.46
C GLY A 35 -0.52 -2.85 -8.47
N CYS A 36 -0.80 -3.42 -7.30
CA CYS A 36 -1.10 -4.86 -7.11
C CYS A 36 -2.55 -5.25 -7.47
N LEU A 37 -2.80 -6.55 -7.72
CA LEU A 37 -4.15 -7.08 -7.92
C LEU A 37 -4.79 -7.63 -6.64
N ALA A 38 -3.97 -7.86 -5.62
CA ALA A 38 -4.41 -8.40 -4.36
C ALA A 38 -3.71 -7.71 -3.19
N GLY A 39 -4.32 -7.76 -2.03
CA GLY A 39 -3.78 -7.23 -0.82
C GLY A 39 -3.94 -5.73 -0.65
N PRO A 40 -3.53 -5.23 0.53
CA PRO A 40 -3.66 -3.82 0.83
C PRO A 40 -2.62 -2.93 0.16
N VAL A 41 -2.82 -1.61 0.29
CA VAL A 41 -1.77 -0.62 0.10
C VAL A 41 -1.22 -0.37 1.52
N VAL A 42 0.10 -0.41 1.65
CA VAL A 42 0.83 -0.15 2.87
C VAL A 42 1.63 1.12 2.68
N ALA A 43 1.40 2.07 3.56
CA ALA A 43 2.16 3.33 3.57
C ALA A 43 3.07 3.39 4.80
N ALA A 44 4.23 4.02 4.61
CA ALA A 44 5.13 4.35 5.71
C ALA A 44 5.41 5.83 5.76
N ALA A 45 5.48 6.38 6.97
CA ALA A 45 5.93 7.78 7.20
C ALA A 45 7.13 7.70 8.12
N VAL A 46 8.18 8.41 7.76
CA VAL A 46 9.48 8.28 8.41
C VAL A 46 10.02 9.68 8.77
N VAL A 47 10.39 9.86 10.02
CA VAL A 47 11.20 10.98 10.47
C VAL A 47 12.58 10.43 10.90
N LEU A 48 13.62 10.84 10.20
CA LEU A 48 14.99 10.40 10.48
C LEU A 48 15.79 11.49 11.16
N GLU A 49 16.43 11.18 12.28
CA GLU A 49 17.40 12.10 12.88
C GLU A 49 18.79 11.82 12.30
N LYS A 50 19.22 10.59 12.49
CA LYS A 50 20.59 10.21 12.24
C LYS A 50 20.85 10.00 10.74
N GLU A 51 22.13 10.07 10.39
CA GLU A 51 22.60 9.83 9.03
C GLU A 51 22.50 8.36 8.70
N ILE A 52 22.05 8.05 7.49
CA ILE A 52 22.09 6.67 6.98
C ILE A 52 22.60 6.75 5.53
N GLU A 53 23.61 5.95 5.20
CA GLU A 53 24.18 5.93 3.85
C GLU A 53 23.37 5.00 2.92
N ALA A 64 19.47 -8.54 -0.21
CA ALA A 64 18.62 -7.85 0.75
C ALA A 64 19.39 -6.68 1.38
N LYS A 65 19.84 -5.76 0.53
CA LYS A 65 20.34 -4.46 1.01
C LYS A 65 19.17 -3.65 1.61
N ARG A 66 17.93 -3.97 1.20
CA ARG A 66 16.70 -3.42 1.82
C ARG A 66 16.60 -3.75 3.29
N GLU A 67 16.72 -5.03 3.61
CA GLU A 67 16.65 -5.48 5.01
C GLU A 67 17.87 -4.95 5.81
N ARG A 68 19.01 -4.79 5.15
CA ARG A 68 20.15 -4.09 5.78
C ARG A 68 19.73 -2.68 6.17
N LEU A 69 19.12 -1.98 5.23
CA LEU A 69 18.74 -0.58 5.45
C LEU A 69 17.57 -0.49 6.45
N LEU A 70 16.62 -1.43 6.38
CA LEU A 70 15.48 -1.43 7.34
C LEU A 70 15.99 -1.43 8.76
N ASP A 71 17.06 -2.19 9.01
CA ASP A 71 17.55 -2.34 10.36
C ASP A 71 18.13 -1.03 10.84
N GLU A 72 18.83 -0.33 9.96
CA GLU A 72 19.42 0.98 10.29
C GLU A 72 18.30 2.04 10.46
N ILE A 73 17.29 2.00 9.59
CA ILE A 73 16.13 2.88 9.72
C ILE A 73 15.44 2.71 11.10
N MSE A 74 15.18 1.46 11.44
CA MSE A 74 14.59 1.08 12.71
C MSE A 74 15.34 1.67 13.88
O MSE A 74 14.73 2.03 14.89
CB MSE A 74 14.62 -0.43 12.85
N GLU A 75 16.65 1.80 13.74
CA GLU A 75 17.49 2.31 14.84
C GLU A 75 17.50 3.84 14.92
N LYS A 76 17.38 4.48 13.76
CA LYS A 76 17.64 5.89 13.58
C LYS A 76 16.44 6.76 13.20
N ALA A 77 15.24 6.16 13.16
CA ALA A 77 14.05 6.86 12.73
C ALA A 77 12.85 6.59 13.64
N ALA A 78 11.88 7.52 13.55
CA ALA A 78 10.55 7.30 14.08
C ALA A 78 9.79 6.87 12.85
N VAL A 79 8.94 5.85 12.96
CA VAL A 79 8.25 5.29 11.78
C VAL A 79 6.80 5.06 12.12
N GLY A 80 5.92 5.33 11.15
CA GLY A 80 4.50 5.01 11.27
C GLY A 80 4.01 4.33 10.02
N ILE A 81 3.04 3.42 10.22
CA ILE A 81 2.50 2.51 9.18
C ILE A 81 1.00 2.68 9.10
N GLY A 82 0.49 2.77 7.87
CA GLY A 82 -0.93 2.88 7.59
C GLY A 82 -1.29 1.91 6.51
N ILE A 83 -2.50 1.31 6.59
CA ILE A 83 -2.91 0.32 5.58
C ILE A 83 -4.27 0.70 5.07
N ALA A 84 -4.53 0.44 3.81
CA ALA A 84 -5.88 0.54 3.22
C ALA A 84 -6.17 -0.86 2.61
N SER A 85 -7.31 -1.41 2.96
CA SER A 85 -7.64 -2.80 2.57
C SER A 85 -8.13 -2.92 1.15
N PRO A 86 -8.18 -4.15 0.61
CA PRO A 86 -8.88 -4.40 -0.67
C PRO A 86 -10.32 -3.83 -0.66
N GLU A 87 -11.01 -3.93 0.47
CA GLU A 87 -12.38 -3.42 0.58
C GLU A 87 -12.40 -1.92 0.31
N GLU A 88 -11.48 -1.20 0.98
CA GLU A 88 -11.41 0.21 0.84
C GLU A 88 -10.98 0.66 -0.56
N ILE A 89 -10.09 -0.07 -1.17
CA ILE A 89 -9.76 0.14 -2.59
C ILE A 89 -10.97 -0.01 -3.50
N ASP A 90 -11.73 -1.06 -3.29
CA ASP A 90 -12.94 -1.38 -4.09
C ASP A 90 -14.05 -0.32 -3.85
N LEU A 91 -14.19 0.19 -2.63
CA LEU A 91 -15.25 1.16 -2.33
C LEU A 91 -14.91 2.58 -2.71
N TYR A 92 -13.65 2.96 -2.46
CA TYR A 92 -13.20 4.37 -2.55
C TYR A 92 -12.30 4.69 -3.74
N ASN A 93 -11.73 3.66 -4.37
CA ASN A 93 -10.78 3.75 -5.46
C ASN A 93 -9.34 3.85 -4.96
N ILE A 94 -8.43 3.49 -5.87
CA ILE A 94 -7.05 3.20 -5.49
C ILE A 94 -6.34 4.48 -5.03
N PHE A 95 -6.73 5.61 -5.64
CA PHE A 95 -6.18 6.96 -5.29
C PHE A 95 -6.62 7.36 -3.87
N ASN A 96 -7.92 7.32 -3.59
CA ASN A 96 -8.38 7.61 -2.23
C ASN A 96 -7.87 6.61 -1.16
N ALA A 97 -7.77 5.35 -1.51
CA ALA A 97 -7.29 4.32 -0.59
C ALA A 97 -5.80 4.57 -0.25
N THR A 98 -5.00 4.94 -1.23
CA THR A 98 -3.58 5.23 -1.05
C THR A 98 -3.41 6.43 -0.09
N LYS A 99 -4.23 7.45 -0.32
CA LYS A 99 -4.25 8.64 0.56
C LYS A 99 -4.67 8.26 1.98
N LEU A 100 -5.69 7.40 2.12
CA LEU A 100 -6.15 6.88 3.39
C LEU A 100 -5.00 6.17 4.12
N ALA A 101 -4.23 5.32 3.41
CA ALA A 101 -3.07 4.63 3.99
C ALA A 101 -2.03 5.64 4.48
N MSE A 102 -1.74 6.59 3.60
CA MSE A 102 -0.72 7.61 3.93
C MSE A 102 -1.09 8.44 5.18
O MSE A 102 -0.27 8.66 6.07
CB MSE A 102 -0.51 8.49 2.71
CG MSE A 102 0.27 7.76 1.71
SE MSE A 102 0.49 8.91 0.24
CE MSE A 102 1.86 7.95 -0.78
N ASN A 103 -2.32 8.87 5.24
CA ASN A 103 -2.78 9.60 6.40
C ASN A 103 -2.75 8.77 7.67
N ARG A 104 -3.11 7.51 7.56
CA ARG A 104 -3.04 6.57 8.66
C ARG A 104 -1.61 6.35 9.15
N ALA A 105 -0.66 6.35 8.22
CA ALA A 105 0.76 6.27 8.56
C ALA A 105 1.27 7.50 9.38
N LEU A 106 0.90 8.69 8.92
CA LEU A 106 1.11 9.95 9.68
C LEU A 106 0.47 9.93 11.07
N GLU A 107 -0.78 9.47 11.17
CA GLU A 107 -1.45 9.29 12.47
C GLU A 107 -0.73 8.26 13.38
N ASN A 108 -0.11 7.26 12.77
CA ASN A 108 0.63 6.22 13.47
C ASN A 108 2.00 6.66 13.95
N LEU A 109 2.62 7.68 13.36
CA LEU A 109 3.88 8.21 13.86
C LEU A 109 3.73 8.78 15.28
N SER A 110 4.72 8.51 16.11
CA SER A 110 4.73 9.01 17.49
C SER A 110 5.06 10.50 17.59
N VAL A 111 5.73 11.03 16.56
CA VAL A 111 5.99 12.49 16.47
C VAL A 111 5.09 13.03 15.37
N LYS A 112 4.52 14.19 15.61
CA LYS A 112 3.66 14.77 14.60
C LYS A 112 4.50 15.68 13.72
N PRO A 113 4.62 15.34 12.42
CA PRO A 113 5.42 16.18 11.53
C PRO A 113 4.70 17.49 11.24
N SER A 114 5.46 18.52 10.92
CA SER A 114 4.91 19.81 10.49
C SER A 114 4.72 19.89 8.98
N PHE A 115 5.46 19.04 8.26
CA PHE A 115 5.50 19.12 6.83
C PHE A 115 5.83 17.71 6.33
N VAL A 116 5.30 17.34 5.18
CA VAL A 116 5.60 16.03 4.59
C VAL A 116 6.15 16.14 3.20
N LEU A 117 7.13 15.30 2.90
CA LEU A 117 7.57 15.11 1.49
C LEU A 117 6.98 13.78 1.04
N VAL A 118 6.17 13.78 -0.02
CA VAL A 118 5.38 12.64 -0.42
C VAL A 118 5.83 12.18 -1.82
N ASP A 119 6.09 10.88 -2.01
CA ASP A 119 6.34 10.34 -3.34
C ASP A 119 5.07 10.42 -4.16
N GLY A 120 5.16 11.07 -5.32
CA GLY A 120 4.08 11.03 -6.33
C GLY A 120 3.69 12.43 -6.82
N LYS A 121 2.39 12.63 -7.05
CA LYS A 121 1.92 13.87 -7.66
C LYS A 121 0.48 14.12 -7.26
N GLY A 122 0.20 15.31 -6.72
CA GLY A 122 -1.16 15.76 -6.47
C GLY A 122 -1.86 15.15 -5.27
N ILE A 123 -1.10 14.65 -4.29
CA ILE A 123 -1.69 14.01 -3.12
C ILE A 123 -1.66 15.03 -2.00
N GLU A 124 -2.81 15.32 -1.41
CA GLU A 124 -2.89 16.26 -0.32
C GLU A 124 -3.27 15.44 0.88
N LEU A 125 -2.37 15.43 1.87
CA LEU A 125 -2.53 14.70 3.11
C LEU A 125 -2.98 15.64 4.24
N SER A 126 -3.21 15.08 5.41
CA SER A 126 -3.68 15.81 6.56
C SER A 126 -2.66 16.82 7.08
N VAL A 127 -1.39 16.63 6.72
CA VAL A 127 -0.29 17.53 7.11
C VAL A 127 0.12 18.21 5.81
N PRO A 128 0.37 19.55 5.81
CA PRO A 128 0.82 20.19 4.58
C PRO A 128 2.17 19.65 4.13
N GLY A 129 2.43 19.79 2.85
CA GLY A 129 3.56 19.12 2.23
C GLY A 129 3.72 19.42 0.78
N THR A 130 4.66 18.70 0.18
CA THR A 130 4.94 18.77 -1.23
C THR A 130 5.12 17.36 -1.75
N CYS A 131 4.57 17.10 -2.93
CA CYS A 131 4.77 15.84 -3.61
C CYS A 131 5.91 15.94 -4.58
N LEU A 132 6.73 14.90 -4.63
CA LEU A 132 7.85 14.83 -5.54
C LEU A 132 7.65 13.62 -6.45
N VAL A 133 7.56 13.88 -7.74
CA VAL A 133 7.61 12.81 -8.72
C VAL A 133 8.97 12.10 -8.59
N LYS A 134 8.94 10.77 -8.60
CA LYS A 134 10.14 9.95 -8.34
C LYS A 134 10.86 10.45 -7.08
N GLY A 135 10.07 10.77 -6.05
CA GLY A 135 10.64 11.31 -4.81
C GLY A 135 11.55 10.35 -4.08
N ASP A 136 11.35 9.06 -4.35
CA ASP A 136 12.07 7.97 -3.74
C ASP A 136 13.51 7.93 -4.22
N GLN A 137 13.80 8.64 -5.33
CA GLN A 137 15.16 8.80 -5.83
C GLN A 137 15.78 10.17 -5.49
N LYS A 138 14.93 11.14 -5.14
CA LYS A 138 15.37 12.48 -4.86
C LYS A 138 15.60 12.76 -3.36
N SER A 139 14.84 12.10 -2.48
CA SER A 139 14.85 12.39 -1.06
C SER A 139 15.20 11.12 -0.28
N LYS A 140 16.05 11.30 0.72
CA LYS A 140 16.42 10.26 1.68
C LYS A 140 15.24 9.85 2.58
N LEU A 141 14.43 10.82 2.99
CA LEU A 141 13.28 10.53 3.84
C LEU A 141 12.30 9.61 3.11
N ILE A 142 12.01 9.98 1.85
CA ILE A 142 11.04 9.24 1.06
C ILE A 142 11.66 7.86 0.73
N GLY A 143 12.95 7.86 0.38
CA GLY A 143 13.68 6.60 0.18
C GLY A 143 13.53 5.63 1.33
N ALA A 144 13.64 6.16 2.55
CA ALA A 144 13.52 5.36 3.77
C ALA A 144 12.06 4.82 3.92
N ALA A 145 11.06 5.69 3.70
CA ALA A 145 9.65 5.28 3.73
C ALA A 145 9.38 4.15 2.70
N SER A 146 9.97 4.24 1.51
CA SER A 146 9.74 3.24 0.46
C SER A 146 10.29 1.88 0.88
N ILE A 147 11.43 1.91 1.58
CA ILE A 147 12.03 0.67 2.08
C ILE A 147 11.17 0.03 3.16
N VAL A 148 10.69 0.83 4.11
CA VAL A 148 9.90 0.27 5.20
C VAL A 148 8.60 -0.34 4.62
N ALA A 149 7.95 0.41 3.75
CA ALA A 149 6.64 -0.01 3.25
C ALA A 149 6.82 -1.31 2.44
N LYS A 150 7.83 -1.35 1.56
CA LYS A 150 8.09 -2.55 0.78
C LYS A 150 8.42 -3.76 1.67
N VAL A 151 9.35 -3.63 2.60
CA VAL A 151 9.73 -4.79 3.42
C VAL A 151 8.53 -5.30 4.22
N PHE A 152 7.76 -4.37 4.81
CA PHE A 152 6.62 -4.79 5.63
C PHE A 152 5.49 -5.42 4.80
N ARG A 153 5.18 -4.83 3.66
CA ARG A 153 4.16 -5.40 2.74
C ARG A 153 4.59 -6.75 2.23
N ASP A 154 5.86 -6.90 1.91
CA ASP A 154 6.37 -8.21 1.46
C ASP A 154 6.18 -9.29 2.52
N ARG A 155 6.39 -8.97 3.80
CA ARG A 155 6.16 -9.94 4.87
C ARG A 155 4.72 -10.33 4.91
N LEU A 156 3.82 -9.34 4.80
CA LEU A 156 2.37 -9.63 4.84
C LEU A 156 1.96 -10.55 3.69
N MSE A 157 2.51 -10.29 2.52
CA MSE A 157 2.13 -11.10 1.37
C MSE A 157 2.62 -12.53 1.59
O MSE A 157 1.95 -13.46 1.21
CB MSE A 157 2.64 -10.47 0.08
CG MSE A 157 1.98 -9.15 -0.26
SE MSE A 157 0.05 -8.95 0.03
CE MSE A 157 -0.62 -10.07 -1.42
N SER A 158 3.80 -12.71 2.18
CA SER A 158 4.23 -14.06 2.56
C SER A 158 3.25 -14.76 3.55
N GLU A 159 2.66 -13.98 4.46
CA GLU A 159 1.58 -14.53 5.33
C GLU A 159 0.40 -15.04 4.51
N PHE A 160 0.04 -14.29 3.49
CA PHE A 160 -1.09 -14.65 2.66
C PHE A 160 -0.80 -15.96 1.86
N HIS A 161 0.45 -16.26 1.57
CA HIS A 161 0.79 -17.53 0.90
C HIS A 161 0.53 -18.64 1.90
N ARG A 162 0.83 -18.40 3.18
CA ARG A 162 0.45 -19.37 4.23
C ARG A 162 -1.07 -19.58 4.29
N MSE A 163 -1.87 -18.51 4.20
CA MSE A 163 -3.33 -18.67 4.24
C MSE A 163 -3.98 -19.26 2.97
O MSE A 163 -5.07 -19.88 3.02
CB MSE A 163 -3.98 -17.31 4.47
CG MSE A 163 -3.66 -16.70 5.80
SE MSE A 163 -4.63 -14.99 5.94
CE MSE A 163 -6.23 -15.50 5.09
N TYR A 164 -3.33 -19.02 1.84
CA TYR A 164 -3.85 -19.35 0.53
C TYR A 164 -2.75 -20.05 -0.29
N PRO A 165 -2.42 -21.29 0.09
CA PRO A 165 -1.23 -21.93 -0.44
C PRO A 165 -1.26 -22.21 -1.94
N GLN A 166 -2.45 -22.10 -2.57
CA GLN A 166 -2.60 -22.31 -4.00
C GLN A 166 -2.06 -21.07 -4.76
N PHE A 167 -1.80 -19.98 -4.03
CA PHE A 167 -1.34 -18.68 -4.58
C PHE A 167 0.07 -18.32 -4.06
N SER A 168 0.95 -18.00 -5.00
CA SER A 168 2.35 -17.72 -4.68
C SER A 168 2.60 -16.24 -4.34
N PHE A 169 1.85 -15.77 -3.35
CA PHE A 169 1.92 -14.40 -2.87
C PHE A 169 3.27 -14.09 -2.33
N HIS A 170 3.94 -15.10 -1.79
CA HIS A 170 5.33 -14.91 -1.33
C HIS A 170 6.31 -14.48 -2.43
N LYS A 171 6.01 -14.82 -3.67
CA LYS A 171 6.85 -14.52 -4.83
C LYS A 171 6.36 -13.28 -5.56
N HIS A 172 5.12 -13.30 -6.05
CA HIS A 172 4.61 -12.14 -6.81
C HIS A 172 4.06 -10.99 -5.99
N LYS A 173 3.79 -11.22 -4.69
CA LYS A 173 3.34 -10.15 -3.79
C LYS A 173 1.96 -9.60 -4.17
N GLY A 174 1.22 -10.38 -4.97
CA GLY A 174 -0.07 -9.98 -5.49
C GLY A 174 -0.10 -9.14 -6.74
N TYR A 175 1.07 -8.82 -7.28
CA TYR A 175 1.17 -8.22 -8.60
C TYR A 175 0.63 -9.18 -9.67
N ALA A 176 0.20 -8.58 -10.76
CA ALA A 176 -0.46 -9.31 -11.87
C ALA A 176 0.57 -9.97 -12.80
N THR A 177 1.40 -10.84 -12.24
CA THR A 177 2.34 -11.62 -13.02
C THR A 177 1.58 -12.73 -13.77
N LYS A 178 2.23 -13.33 -14.75
CA LYS A 178 1.72 -14.48 -15.47
C LYS A 178 1.23 -15.57 -14.53
N GLU A 179 2.07 -15.89 -13.56
CA GLU A 179 1.75 -16.94 -12.59
C GLU A 179 0.53 -16.58 -11.72
N HIS A 180 0.47 -15.35 -11.23
CA HIS A 180 -0.67 -14.91 -10.42
C HIS A 180 -1.96 -15.07 -11.23
N LEU A 181 -1.95 -14.54 -12.46
CA LEU A 181 -3.13 -14.64 -13.35
C LEU A 181 -3.52 -16.13 -13.58
N ASN A 182 -2.53 -16.98 -13.80
CA ASN A 182 -2.77 -18.42 -13.97
C ASN A 182 -3.48 -18.96 -12.70
N GLU A 183 -2.98 -18.57 -11.53
CA GLU A 183 -3.55 -18.99 -10.25
C GLU A 183 -4.99 -18.55 -10.06
N ILE A 184 -5.30 -17.29 -10.42
CA ILE A 184 -6.67 -16.80 -10.32
C ILE A 184 -7.59 -17.61 -11.24
N ARG A 185 -7.12 -17.82 -12.46
CA ARG A 185 -7.92 -18.54 -13.47
C ARG A 185 -8.20 -19.97 -13.03
N LYS A 186 -7.24 -20.61 -12.37
CA LYS A 186 -7.36 -22.01 -12.01
C LYS A 186 -8.15 -22.18 -10.72
N ASN A 187 -7.84 -21.33 -9.73
CA ASN A 187 -8.35 -21.49 -8.36
C ASN A 187 -9.53 -20.62 -8.02
N GLY A 188 -9.69 -19.51 -8.72
CA GLY A 188 -10.74 -18.58 -8.43
C GLY A 188 -10.24 -17.36 -7.66
N VAL A 189 -10.97 -16.29 -7.79
CA VAL A 189 -10.71 -15.09 -7.03
C VAL A 189 -10.91 -15.30 -5.52
N LEU A 190 -10.19 -14.50 -4.73
CA LEU A 190 -10.26 -14.50 -3.27
C LEU A 190 -10.82 -13.15 -2.77
N PRO A 191 -11.30 -13.17 -1.51
CA PRO A 191 -11.68 -11.84 -0.95
C PRO A 191 -10.56 -10.82 -0.87
N ILE A 192 -9.29 -11.26 -0.84
CA ILE A 192 -8.20 -10.31 -0.77
C ILE A 192 -7.83 -9.70 -2.13
N HIS A 193 -8.44 -10.20 -3.20
CA HIS A 193 -8.27 -9.60 -4.53
C HIS A 193 -9.02 -8.25 -4.57
N ARG A 194 -8.55 -7.38 -5.41
CA ARG A 194 -9.18 -6.07 -5.63
C ARG A 194 -10.25 -6.33 -6.67
N LEU A 195 -11.47 -6.60 -6.19
CA LEU A 195 -12.55 -7.11 -7.05
C LEU A 195 -12.99 -6.13 -8.13
N SER A 196 -12.73 -4.86 -7.93
CA SER A 196 -13.12 -3.81 -8.87
C SER A 196 -12.12 -3.61 -10.01
N PHE A 197 -10.96 -4.26 -9.97
CA PHE A 197 -9.91 -4.09 -10.99
C PHE A 197 -10.26 -5.05 -12.15
N GLU A 198 -10.19 -4.55 -13.37
CA GLU A 198 -10.67 -5.26 -14.53
C GLU A 198 -10.21 -6.75 -14.60
N PRO A 199 -8.89 -7.02 -14.40
CA PRO A 199 -8.41 -8.42 -14.53
C PRO A 199 -9.08 -9.44 -13.58
N VAL A 200 -9.45 -8.95 -12.41
CA VAL A 200 -10.16 -9.72 -11.39
C VAL A 200 -11.65 -9.72 -11.71
N LEU A 201 -12.21 -8.54 -11.95
CA LEU A 201 -13.62 -8.37 -12.18
C LEU A 201 -14.14 -9.23 -13.34
N GLU A 202 -13.31 -9.37 -14.38
CA GLU A 202 -13.67 -10.18 -15.54
C GLU A 202 -13.68 -11.69 -15.34
N LEU A 203 -13.06 -12.16 -14.28
CA LEU A 203 -13.04 -13.57 -13.89
C LEU A 203 -14.13 -13.87 -12.84
N LEU A 204 -14.54 -12.85 -12.09
CA LEU A 204 -15.50 -13.05 -11.00
C LEU A 204 -16.90 -13.43 -11.46
N THR A 205 -17.51 -14.45 -10.84
CA THR A 205 -18.94 -14.77 -11.11
C THR A 205 -19.84 -14.23 -10.03
N ASP A 206 -21.09 -14.08 -10.39
CA ASP A 206 -22.15 -13.68 -9.49
C ASP A 206 -22.26 -14.70 -8.36
N ASP A 207 -22.14 -15.98 -8.69
CA ASP A 207 -22.21 -17.04 -7.67
C ASP A 207 -21.08 -16.95 -6.64
N LEU A 208 -19.85 -16.70 -7.10
CA LEU A 208 -18.73 -16.65 -6.17
C LEU A 208 -18.90 -15.39 -5.31
N LEU A 209 -19.31 -14.30 -5.92
CA LEU A 209 -19.49 -13.08 -5.16
C LEU A 209 -20.55 -13.29 -4.07
N ARG A 210 -21.67 -13.91 -4.44
CA ARG A 210 -22.69 -14.26 -3.44
C ARG A 210 -22.15 -15.17 -2.35
N GLU A 211 -21.34 -16.16 -2.71
CA GLU A 211 -20.67 -16.99 -1.69
C GLU A 211 -19.88 -16.20 -0.65
N PHE A 212 -19.06 -15.25 -1.13
CA PHE A 212 -18.27 -14.38 -0.26
C PHE A 212 -19.20 -13.68 0.73
N PHE A 213 -20.30 -13.10 0.25
CA PHE A 213 -21.22 -12.40 1.15
C PHE A 213 -21.89 -13.35 2.15
N GLU A 214 -22.39 -14.49 1.66
CA GLU A 214 -23.07 -15.54 2.46
C GLU A 214 -22.21 -15.99 3.64
N LYS A 215 -20.92 -16.12 3.36
CA LYS A 215 -19.97 -16.58 4.36
C LYS A 215 -19.45 -15.50 5.27
N GLY A 216 -19.83 -14.23 5.02
CA GLY A 216 -19.27 -13.11 5.79
C GLY A 216 -17.82 -12.75 5.51
N LEU A 217 -17.38 -13.10 4.30
CA LEU A 217 -16.01 -12.86 3.87
C LEU A 217 -15.84 -11.47 3.27
N ILE A 218 -16.94 -10.86 2.83
CA ILE A 218 -16.96 -9.47 2.37
C ILE A 218 -18.17 -8.79 2.99
N SER A 219 -18.05 -7.47 3.12
CA SER A 219 -19.09 -6.62 3.69
C SER A 219 -20.24 -6.51 2.69
N GLU A 220 -21.39 -6.14 3.21
CA GLU A 220 -22.52 -5.84 2.35
C GLU A 220 -22.20 -4.67 1.39
N ASN A 221 -21.50 -3.64 1.87
CA ASN A 221 -21.19 -2.48 1.01
C ASN A 221 -20.33 -2.92 -0.18
N ARG A 222 -19.35 -3.75 0.12
CA ARG A 222 -18.46 -4.25 -0.91
C ARG A 222 -19.22 -5.16 -1.87
N PHE A 223 -20.08 -6.03 -1.31
CA PHE A 223 -20.90 -6.92 -2.12
C PHE A 223 -21.75 -6.14 -3.13
N GLU A 224 -22.45 -5.11 -2.64
CA GLU A 224 -23.34 -4.30 -3.48
C GLU A 224 -22.55 -3.55 -4.56
N ARG A 225 -21.41 -2.97 -4.18
CA ARG A 225 -20.55 -2.26 -5.10
C ARG A 225 -20.12 -3.15 -6.28
N ILE A 226 -19.61 -4.35 -5.96
CA ILE A 226 -19.11 -5.24 -6.99
C ILE A 226 -20.25 -5.84 -7.80
N LEU A 227 -21.38 -6.15 -7.17
CA LEU A 227 -22.57 -6.66 -7.91
C LEU A 227 -23.02 -5.63 -8.95
N ASN A 228 -22.96 -4.36 -8.62
CA ASN A 228 -23.25 -3.27 -9.59
C ASN A 228 -22.27 -3.25 -10.77
N LEU A 229 -20.99 -3.32 -10.46
CA LEU A 229 -19.93 -3.35 -11.48
C LEU A 229 -20.13 -4.56 -12.38
N LEU A 230 -20.44 -5.71 -11.80
CA LEU A 230 -20.68 -6.89 -12.61
C LEU A 230 -21.94 -6.79 -13.45
N GLY A 231 -23.01 -6.23 -12.87
CA GLY A 231 -24.31 -6.10 -13.57
C GLY A 231 -24.21 -5.21 -14.79
N ALA A 232 -23.42 -4.15 -14.67
CA ALA A 232 -23.10 -3.25 -15.79
C ALA A 232 -22.00 -3.85 -16.66
N ARG A 233 -22.18 -5.10 -17.06
CA ARG A 233 -21.25 -5.79 -17.96
C ARG A 233 -22.01 -6.85 -18.73
MG MG B . 6.37 5.40 -4.32
CL CL C . -14.97 -6.77 2.58
C1 EDO D . -7.67 -0.55 6.87
O1 EDO D . -8.93 -1.12 7.25
C2 EDO D . -6.54 -1.55 6.80
O2 EDO D . -7.00 -2.89 6.97
C1 EDO E . -5.37 11.94 -5.11
O1 EDO E . -4.93 11.44 -3.85
C2 EDO E . -4.17 12.19 -6.01
O2 EDO E . -3.58 10.94 -6.34
C1 EDO F . 0.95 16.58 1.70
O1 EDO F . -0.23 17.30 2.09
C2 EDO F . 1.43 16.78 0.25
O2 EDO F . 0.81 17.94 -0.30
C1 EDO G . -13.22 1.18 -9.89
O1 EDO G . -13.43 2.35 -9.08
C2 EDO G . -14.36 0.91 -10.86
O2 EDO G . -14.18 -0.39 -11.48
C1 EDO H . -1.23 -13.46 -18.44
O1 EDO H . -2.56 -13.05 -18.81
C2 EDO H . -1.17 -14.96 -18.59
O2 EDO H . -0.95 -15.60 -17.31
#